data_5J95
#
_entry.id   5J95
#
_cell.length_a   80.180
_cell.length_b   92.260
_cell.length_c   96.410
_cell.angle_alpha   90.00
_cell.angle_beta   90.00
_cell.angle_gamma   90.00
#
_symmetry.space_group_name_H-M   'P 21 21 21'
#
loop_
_entity.id
_entity.type
_entity.pdbx_description
1 polymer 'Mitogen-activated protein kinase kinase kinase kinase 4'
2 non-polymer '1-{4-[6-amino-5-(4-chlorophenyl)pyridin-3-yl]phenyl}cyclopentane-1-carboxylic acid'
3 water water
#
_entity_poly.entity_id   1
_entity_poly.type   'polypeptide(L)'
_entity_poly.pdbx_seq_one_letter_code
;ANDSPAKSLVDIDLSSLRDPAGIFELVEVVGNGTYGQVYKGRHVKTGQLAAIKVMDVTEDEEEEIKLEINMLKKYSHHRN
IATYYGAFIKKSPPGHDDQLWLVMEFCGAGSITDLVKNTKGNTLKEDWIAYISREILRGLAHLHIHHVIHRDIKGQNVLL
TENAEVKLVDFGVSAQLDRTVGRRNTFIGTPYWMAPEVIACDENPDATYDYRSDLWSCGITAIEMAEGAPPLCDMHPMRA
LFLIPRNPPPRLKSKKWSKKFFSFIEGCLVKNYMQRPSTEQLLKHPFIRDQPNERQVRIQLKDHIDRTRKKR
;
_entity_poly.pdbx_strand_id   A,B
#
# COMPACT_ATOMS: atom_id res chain seq x y z
N ASP A 13 -3.72 8.00 28.40
CA ASP A 13 -4.60 9.12 28.08
C ASP A 13 -3.97 10.10 27.08
N LEU A 14 -4.65 10.30 25.94
CA LEU A 14 -4.23 11.18 24.85
C LEU A 14 -4.45 12.66 25.18
N SER A 15 -5.26 12.94 26.22
CA SER A 15 -5.55 14.29 26.72
C SER A 15 -4.28 14.91 27.32
N SER A 16 -3.36 14.06 27.84
CA SER A 16 -2.08 14.48 28.42
C SER A 16 -1.03 14.86 27.35
N LEU A 17 -1.23 14.41 26.09
CA LEU A 17 -0.34 14.70 24.96
C LEU A 17 -0.44 16.15 24.52
N ARG A 18 0.70 16.84 24.51
CA ARG A 18 0.81 18.25 24.15
C ARG A 18 0.78 18.45 22.64
N ASP A 19 0.63 19.71 22.22
CA ASP A 19 0.70 20.14 20.82
C ASP A 19 2.20 20.21 20.47
N PRO A 20 2.65 19.71 19.30
CA PRO A 20 4.08 19.75 18.99
C PRO A 20 4.64 21.13 18.62
N ALA A 21 3.76 22.15 18.49
CA ALA A 21 4.01 23.54 18.10
C ALA A 21 5.45 24.04 18.30
N GLY A 22 5.88 24.39 19.50
CA GLY A 22 7.27 24.83 19.64
C GLY A 22 8.24 23.77 20.15
N ILE A 23 7.94 22.48 19.91
CA ILE A 23 8.69 21.32 20.42
C ILE A 23 9.36 20.58 19.28
N PHE A 24 8.55 20.11 18.33
CA PHE A 24 8.99 19.42 17.13
C PHE A 24 8.44 20.09 15.88
N GLU A 25 9.34 20.21 14.91
CA GLU A 25 9.18 20.84 13.59
C GLU A 25 9.32 19.74 12.53
N LEU A 26 8.44 19.71 11.52
CA LEU A 26 8.60 18.73 10.43
C LEU A 26 9.51 19.36 9.39
N VAL A 27 10.52 18.62 8.92
CA VAL A 27 11.46 19.10 7.88
C VAL A 27 10.98 18.62 6.48
N GLU A 28 11.05 17.28 6.22
CA GLU A 28 10.62 16.64 4.96
C GLU A 28 10.24 15.16 5.13
N VAL A 29 9.48 14.59 4.15
CA VAL A 29 9.08 13.16 4.15
C VAL A 29 10.35 12.35 3.90
N VAL A 30 10.55 11.34 4.74
CA VAL A 30 11.76 10.54 4.71
C VAL A 30 11.55 9.17 4.00
N GLY A 31 12.61 8.72 3.34
CA GLY A 31 12.65 7.51 2.54
C GLY A 31 12.15 7.86 1.15
N ASN A 32 10.81 7.90 1.05
CA ASN A 32 9.97 8.29 -0.08
C ASN A 32 8.55 8.15 0.47
N GLY A 33 7.98 6.96 0.33
CA GLY A 33 6.66 6.63 0.84
C GLY A 33 6.65 5.20 1.31
N THR A 34 7.87 4.68 1.57
CA THR A 34 8.13 3.31 2.00
C THR A 34 7.44 3.08 3.32
N TYR A 35 7.48 4.11 4.19
CA TYR A 35 6.93 4.09 5.54
C TYR A 35 5.68 4.96 5.68
N GLY A 36 5.36 5.68 4.60
CA GLY A 36 4.20 6.56 4.52
C GLY A 36 4.53 7.94 5.02
N GLN A 37 3.69 8.44 5.94
CA GLN A 37 3.83 9.78 6.51
C GLN A 37 4.83 9.79 7.67
N VAL A 38 6.07 9.38 7.37
CA VAL A 38 7.21 9.36 8.27
C VAL A 38 8.12 10.48 7.78
N TYR A 39 8.44 11.38 8.72
CA TYR A 39 9.16 12.62 8.48
C TYR A 39 10.46 12.75 9.22
N LYS A 40 11.41 13.47 8.61
CA LYS A 40 12.61 13.95 9.26
C LYS A 40 12.10 15.15 10.05
N GLY A 41 12.30 15.09 11.37
CA GLY A 41 11.87 16.10 12.32
C GLY A 41 13.03 16.73 13.08
N ARG A 42 12.77 17.92 13.61
CA ARG A 42 13.75 18.68 14.34
C ARG A 42 13.18 19.10 15.68
N HIS A 43 13.93 18.82 16.77
CA HIS A 43 13.58 19.29 18.12
C HIS A 43 13.95 20.77 18.13
N VAL A 44 12.95 21.67 18.06
CA VAL A 44 13.09 23.13 17.98
C VAL A 44 14.17 23.75 18.94
N LYS A 45 14.30 23.22 20.16
CA LYS A 45 15.25 23.81 21.11
C LYS A 45 16.72 23.45 20.86
N THR A 46 17.02 22.18 20.53
CA THR A 46 18.38 21.70 20.36
C THR A 46 18.83 21.50 18.92
N GLY A 47 17.86 21.37 18.01
CA GLY A 47 18.11 21.14 16.59
C GLY A 47 18.40 19.68 16.30
N GLN A 48 18.30 18.85 17.37
CA GLN A 48 18.49 17.42 17.35
C GLN A 48 17.41 16.83 16.47
N LEU A 49 17.81 15.83 15.66
CA LEU A 49 16.89 15.23 14.72
C LEU A 49 16.12 14.06 15.32
N ALA A 50 14.91 13.88 14.79
CA ALA A 50 14.02 12.81 15.18
C ALA A 50 13.24 12.32 13.96
N ALA A 51 12.69 11.12 14.05
CA ALA A 51 11.83 10.56 13.01
C ALA A 51 10.42 10.75 13.54
N ILE A 52 9.54 11.37 12.75
CA ILE A 52 8.15 11.66 13.15
C ILE A 52 7.12 10.92 12.26
N LYS A 53 6.44 9.94 12.83
CA LYS A 53 5.38 9.22 12.14
C LYS A 53 4.07 9.97 12.42
N VAL A 54 3.45 10.48 11.36
CA VAL A 54 2.19 11.22 11.39
C VAL A 54 1.01 10.34 10.96
N MET A 55 -0.05 10.29 11.81
CA MET A 55 -1.28 9.53 11.52
C MET A 55 -2.53 10.22 12.04
N ASP A 56 -3.61 10.21 11.23
CA ASP A 56 -4.90 10.80 11.57
C ASP A 56 -5.59 9.97 12.64
N VAL A 57 -6.16 10.65 13.64
CA VAL A 57 -6.80 10.03 14.81
C VAL A 57 -8.30 10.32 14.89
N THR A 58 -9.08 9.23 14.94
CA THR A 58 -10.54 9.26 15.10
C THR A 58 -10.85 8.78 16.54
N GLU A 59 -12.08 9.06 17.06
CA GLU A 59 -12.50 8.65 18.41
C GLU A 59 -12.48 7.13 18.63
N ASP A 60 -12.71 6.34 17.54
CA ASP A 60 -12.69 4.87 17.56
C ASP A 60 -11.28 4.28 17.69
N GLU A 61 -10.26 4.96 17.12
CA GLU A 61 -8.84 4.54 17.12
C GLU A 61 -8.09 4.91 18.42
N GLU A 62 -8.75 5.63 19.35
CA GLU A 62 -8.18 6.11 20.63
C GLU A 62 -7.56 5.01 21.51
N GLU A 63 -8.08 3.76 21.46
CA GLU A 63 -7.52 2.61 22.21
C GLU A 63 -6.67 1.71 21.29
N GLU A 64 -6.85 1.84 19.95
CA GLU A 64 -6.12 1.12 18.90
C GLU A 64 -4.73 1.73 18.69
N ILE A 65 -4.56 3.02 19.07
CA ILE A 65 -3.32 3.78 18.94
C ILE A 65 -2.58 3.83 20.29
N LYS A 66 -3.34 3.84 21.42
CA LYS A 66 -2.84 3.84 22.80
C LYS A 66 -1.88 2.66 23.03
N LEU A 67 -2.16 1.51 22.38
CA LEU A 67 -1.33 0.31 22.47
C LEU A 67 -0.08 0.41 21.61
N GLU A 68 -0.16 1.06 20.42
CA GLU A 68 1.02 1.26 19.55
C GLU A 68 2.08 2.16 20.24
N ILE A 69 1.63 3.22 20.97
CA ILE A 69 2.49 4.14 21.72
C ILE A 69 3.14 3.35 22.87
N ASN A 70 2.32 2.53 23.58
CA ASN A 70 2.75 1.69 24.69
C ASN A 70 3.75 0.63 24.24
N MET A 71 3.59 0.11 23.02
CA MET A 71 4.47 -0.88 22.41
C MET A 71 5.85 -0.26 22.17
N LEU A 72 5.89 0.95 21.57
CA LEU A 72 7.11 1.74 21.35
C LEU A 72 7.73 2.09 22.71
N LYS A 73 6.92 2.57 23.67
CA LYS A 73 7.37 2.95 25.02
C LYS A 73 8.11 1.81 25.74
N LYS A 74 7.48 0.61 25.79
CA LYS A 74 7.97 -0.58 26.50
C LYS A 74 9.16 -1.30 25.90
N TYR A 75 9.19 -1.46 24.58
CA TYR A 75 10.18 -2.32 23.96
C TYR A 75 11.29 -1.65 23.16
N SER A 76 11.24 -0.31 22.94
CA SER A 76 12.28 0.35 22.15
C SER A 76 13.55 0.74 22.95
N HIS A 77 13.60 0.37 24.26
CA HIS A 77 14.73 0.69 25.13
C HIS A 77 15.78 -0.43 25.13
N HIS A 78 16.24 -0.73 23.90
CA HIS A 78 17.27 -1.66 23.49
C HIS A 78 18.06 -0.95 22.37
N ARG A 79 19.37 -1.22 22.29
CA ARG A 79 20.34 -0.60 21.36
C ARG A 79 20.12 -0.93 19.89
N ASN A 80 19.38 -2.03 19.59
CA ASN A 80 19.09 -2.51 18.24
C ASN A 80 17.64 -2.26 17.81
N ILE A 81 16.92 -1.41 18.55
CA ILE A 81 15.54 -1.00 18.28
C ILE A 81 15.49 0.52 18.39
N ALA A 82 15.07 1.24 17.31
CA ALA A 82 15.00 2.71 17.31
C ALA A 82 14.08 3.26 18.40
N THR A 83 14.71 3.89 19.41
CA THR A 83 14.15 4.43 20.67
C THR A 83 12.98 5.42 20.49
N TYR A 84 11.93 5.23 21.32
CA TYR A 84 10.76 6.10 21.39
C TYR A 84 11.14 7.34 22.20
N TYR A 85 10.73 8.51 21.70
CA TYR A 85 10.99 9.77 22.36
C TYR A 85 9.70 10.28 23.04
N GLY A 86 8.61 10.45 22.26
CA GLY A 86 7.33 10.93 22.76
C GLY A 86 6.19 10.92 21.76
N ALA A 87 5.01 11.42 22.21
CA ALA A 87 3.78 11.51 21.41
C ALA A 87 3.09 12.86 21.60
N PHE A 88 2.60 13.41 20.48
CA PHE A 88 1.94 14.73 20.42
C PHE A 88 0.68 14.67 19.57
N ILE A 89 -0.29 15.57 19.84
CA ILE A 89 -1.51 15.70 19.06
C ILE A 89 -1.61 17.11 18.50
N LYS A 90 -1.72 17.22 17.16
CA LYS A 90 -1.92 18.48 16.45
C LYS A 90 -3.42 18.52 16.12
N LYS A 91 -4.19 19.18 17.02
CA LYS A 91 -5.64 19.30 16.94
C LYS A 91 -6.14 20.04 15.70
N SER A 92 -7.35 19.65 15.26
CA SER A 92 -8.04 20.17 14.08
C SER A 92 -9.32 20.91 14.52
N PRO A 93 -10.00 21.71 13.64
CA PRO A 93 -11.27 22.35 14.07
C PRO A 93 -12.37 21.30 14.37
N PRO A 94 -13.48 21.65 15.10
CA PRO A 94 -14.51 20.63 15.44
C PRO A 94 -14.94 19.63 14.35
N GLY A 95 -14.81 20.02 13.08
CA GLY A 95 -15.13 19.18 11.94
C GLY A 95 -14.06 18.16 11.56
N HIS A 96 -13.21 17.74 12.54
CA HIS A 96 -12.11 16.75 12.51
C HIS A 96 -11.04 16.99 11.36
N ASP A 97 -9.89 16.24 11.32
CA ASP A 97 -9.43 15.11 12.15
C ASP A 97 -8.08 15.40 12.84
N ASP A 98 -7.93 14.99 14.12
CA ASP A 98 -6.71 15.19 14.92
C ASP A 98 -5.51 14.43 14.35
N GLN A 99 -4.30 14.98 14.50
CA GLN A 99 -3.08 14.35 14.01
C GLN A 99 -2.20 13.88 15.17
N LEU A 100 -1.78 12.61 15.16
CA LEU A 100 -0.88 12.11 16.18
C LEU A 100 0.53 11.97 15.62
N TRP A 101 1.49 12.59 16.31
CA TRP A 101 2.89 12.52 15.93
C TRP A 101 3.59 11.59 16.89
N LEU A 102 4.22 10.54 16.35
CA LEU A 102 5.02 9.61 17.14
C LEU A 102 6.47 9.97 16.89
N VAL A 103 7.16 10.49 17.93
CA VAL A 103 8.54 10.94 17.79
C VAL A 103 9.49 9.85 18.28
N MET A 104 10.45 9.54 17.43
CA MET A 104 11.41 8.45 17.51
C MET A 104 12.80 8.91 17.25
N GLU A 105 13.76 8.00 17.50
CA GLU A 105 15.16 8.16 17.18
C GLU A 105 15.34 8.24 15.65
N PHE A 106 16.14 9.21 15.18
CA PHE A 106 16.44 9.38 13.75
C PHE A 106 17.66 8.57 13.43
N CYS A 107 17.49 7.60 12.52
CA CYS A 107 18.56 6.74 12.02
C CYS A 107 18.92 7.32 10.64
N GLY A 108 19.68 8.41 10.69
CA GLY A 108 20.12 9.27 9.58
C GLY A 108 20.64 8.66 8.30
N ALA A 109 21.26 7.47 8.38
CA ALA A 109 21.85 6.81 7.21
C ALA A 109 20.86 6.00 6.38
N GLY A 110 19.59 6.03 6.76
CA GLY A 110 18.53 5.31 6.07
C GLY A 110 18.53 3.83 6.37
N SER A 111 18.06 3.02 5.40
CA SER A 111 17.92 1.56 5.55
C SER A 111 19.04 0.74 4.91
N ILE A 112 18.99 -0.57 5.19
CA ILE A 112 19.88 -1.61 4.68
C ILE A 112 19.67 -1.73 3.16
N THR A 113 18.42 -1.56 2.69
CA THR A 113 18.04 -1.56 1.27
C THR A 113 18.75 -0.40 0.56
N ASP A 114 18.83 0.78 1.22
CA ASP A 114 19.51 1.96 0.70
C ASP A 114 20.99 1.67 0.57
N LEU A 115 21.57 1.02 1.59
CA LEU A 115 22.97 0.62 1.65
C LEU A 115 23.35 -0.30 0.47
N VAL A 116 22.52 -1.32 0.17
CA VAL A 116 22.76 -2.27 -0.93
C VAL A 116 22.64 -1.56 -2.30
N LYS A 117 21.66 -0.67 -2.43
CA LYS A 117 21.42 0.08 -3.66
C LYS A 117 22.50 1.14 -3.89
N ASN A 118 23.17 1.60 -2.83
CA ASN A 118 24.25 2.58 -2.93
C ASN A 118 25.65 1.93 -3.05
N THR A 119 25.71 0.58 -3.10
CA THR A 119 26.97 -0.17 -3.27
C THR A 119 27.08 -0.65 -4.75
N LYS A 120 28.30 -0.61 -5.31
CA LYS A 120 28.60 -1.05 -6.68
C LYS A 120 28.23 -2.53 -6.82
N GLY A 121 27.52 -2.87 -7.89
CA GLY A 121 27.08 -4.24 -8.13
C GLY A 121 25.96 -4.73 -7.24
N ASN A 122 25.51 -3.89 -6.26
CA ASN A 122 24.42 -4.13 -5.30
C ASN A 122 24.57 -5.43 -4.50
N THR A 123 25.72 -5.56 -3.85
CA THR A 123 26.08 -6.72 -3.04
C THR A 123 26.83 -6.16 -1.85
N LEU A 124 26.77 -6.87 -0.73
CA LEU A 124 27.49 -6.49 0.48
C LEU A 124 28.50 -7.58 0.81
N LYS A 125 29.63 -7.19 1.43
CA LYS A 125 30.68 -8.13 1.86
C LYS A 125 30.09 -9.06 2.90
N GLU A 126 30.51 -10.32 2.89
CA GLU A 126 30.02 -11.33 3.83
C GLU A 126 30.15 -10.94 5.33
N ASP A 127 31.23 -10.24 5.71
CA ASP A 127 31.44 -9.78 7.08
C ASP A 127 30.48 -8.63 7.45
N TRP A 128 29.99 -7.90 6.45
CA TRP A 128 29.00 -6.82 6.61
C TRP A 128 27.61 -7.46 6.80
N ILE A 129 27.34 -8.54 6.05
CA ILE A 129 26.08 -9.29 6.13
C ILE A 129 25.97 -9.91 7.53
N ALA A 130 27.06 -10.52 8.03
CA ALA A 130 27.15 -11.17 9.34
C ALA A 130 26.92 -10.21 10.48
N TYR A 131 27.55 -9.02 10.39
CA TYR A 131 27.43 -7.96 11.39
C TYR A 131 25.99 -7.48 11.48
N ILE A 132 25.41 -7.07 10.33
CA ILE A 132 24.04 -6.56 10.27
C ILE A 132 23.04 -7.65 10.67
N SER A 133 23.25 -8.91 10.26
CA SER A 133 22.38 -10.04 10.62
C SER A 133 22.30 -10.25 12.14
N ARG A 134 23.47 -10.19 12.82
CA ARG A 134 23.58 -10.36 14.27
C ARG A 134 22.87 -9.22 15.02
N GLU A 135 22.94 -7.99 14.47
CA GLU A 135 22.24 -6.86 15.07
C GLU A 135 20.74 -7.01 14.90
N ILE A 136 20.28 -7.61 13.76
CA ILE A 136 18.85 -7.91 13.51
C ILE A 136 18.38 -8.96 14.53
N LEU A 137 19.16 -10.05 14.67
CA LEU A 137 18.90 -11.14 15.61
C LEU A 137 18.88 -10.68 17.07
N ARG A 138 19.79 -9.75 17.45
CA ARG A 138 19.86 -9.20 18.81
C ARG A 138 18.63 -8.33 19.11
N GLY A 139 18.14 -7.59 18.11
CA GLY A 139 16.93 -6.78 18.22
C GLY A 139 15.69 -7.66 18.31
N LEU A 140 15.66 -8.77 17.54
CA LEU A 140 14.55 -9.74 17.55
C LEU A 140 14.51 -10.52 18.85
N ALA A 141 15.69 -10.88 19.40
CA ALA A 141 15.81 -11.62 20.67
C ALA A 141 15.16 -10.83 21.79
N HIS A 142 15.39 -9.50 21.82
CA HIS A 142 14.81 -8.57 22.79
C HIS A 142 13.28 -8.55 22.68
N LEU A 143 12.74 -8.55 21.44
CA LEU A 143 11.30 -8.55 21.21
C LEU A 143 10.68 -9.87 21.59
N HIS A 144 11.32 -10.99 21.21
CA HIS A 144 10.86 -12.37 21.46
C HIS A 144 10.86 -12.73 22.96
N ILE A 145 11.84 -12.21 23.74
CA ILE A 145 11.94 -12.36 25.21
C ILE A 145 10.69 -11.72 25.84
N HIS A 146 10.27 -10.57 25.28
CA HIS A 146 9.11 -9.77 25.69
C HIS A 146 7.79 -10.24 25.05
N HIS A 147 7.83 -11.41 24.33
CA HIS A 147 6.72 -12.08 23.64
C HIS A 147 6.11 -11.26 22.51
N VAL A 148 6.95 -10.49 21.82
CA VAL A 148 6.58 -9.62 20.72
C VAL A 148 7.17 -10.17 19.41
N ILE A 149 6.37 -10.26 18.35
CA ILE A 149 6.78 -10.69 17.02
C ILE A 149 6.84 -9.39 16.20
N HIS A 150 7.98 -9.11 15.53
CA HIS A 150 8.15 -7.89 14.72
C HIS A 150 7.06 -7.83 13.62
N ARG A 151 6.94 -8.96 12.87
CA ARG A 151 5.98 -9.24 11.79
C ARG A 151 6.32 -8.61 10.42
N ASP A 152 7.33 -7.75 10.34
CA ASP A 152 7.71 -7.13 9.07
C ASP A 152 9.23 -6.92 8.94
N ILE A 153 9.99 -7.99 9.14
CA ILE A 153 11.45 -7.90 9.00
C ILE A 153 11.76 -7.92 7.50
N LYS A 154 12.56 -6.91 7.06
CA LYS A 154 13.03 -6.66 5.70
C LYS A 154 14.03 -5.56 5.74
N GLY A 155 14.81 -5.39 4.68
CA GLY A 155 15.85 -4.37 4.57
C GLY A 155 15.40 -2.96 4.83
N GLN A 156 14.18 -2.61 4.38
CA GLN A 156 13.62 -1.27 4.57
C GLN A 156 13.32 -0.95 6.04
N ASN A 157 13.07 -1.99 6.85
CA ASN A 157 12.76 -1.86 8.27
C ASN A 157 13.97 -2.08 9.17
N VAL A 158 15.17 -2.16 8.58
CA VAL A 158 16.44 -2.31 9.31
C VAL A 158 17.22 -1.05 8.96
N LEU A 159 17.37 -0.17 9.94
CA LEU A 159 18.01 1.13 9.72
C LEU A 159 19.39 1.29 10.31
N LEU A 160 20.14 2.25 9.77
CA LEU A 160 21.51 2.60 10.18
C LEU A 160 21.57 4.03 10.68
N THR A 161 22.38 4.29 11.72
CA THR A 161 22.62 5.64 12.25
C THR A 161 23.87 6.22 11.54
N GLU A 162 24.43 7.33 12.00
CA GLU A 162 25.65 7.82 11.34
C GLU A 162 26.86 6.94 11.77
N ASN A 163 26.82 6.41 13.02
CA ASN A 163 27.82 5.55 13.67
C ASN A 163 27.77 4.06 13.27
N ALA A 164 27.01 3.71 12.19
CA ALA A 164 26.84 2.33 11.70
C ALA A 164 26.14 1.40 12.74
N GLU A 165 25.33 2.01 13.62
CA GLU A 165 24.48 1.33 14.59
C GLU A 165 23.25 0.82 13.84
N VAL A 166 22.94 -0.46 14.02
CA VAL A 166 21.80 -1.12 13.37
C VAL A 166 20.59 -1.11 14.31
N LYS A 167 19.47 -0.52 13.83
CA LYS A 167 18.22 -0.41 14.61
C LYS A 167 16.96 -0.84 13.84
N LEU A 168 16.07 -1.56 14.52
CA LEU A 168 14.82 -2.06 13.95
C LEU A 168 13.66 -1.07 14.11
N VAL A 169 12.80 -0.98 13.09
CA VAL A 169 11.62 -0.10 13.08
C VAL A 169 10.39 -0.82 12.57
N ASP A 170 9.20 -0.29 12.93
CA ASP A 170 7.86 -0.70 12.52
C ASP A 170 7.52 -2.15 12.95
N PHE A 171 7.53 -2.41 14.27
CA PHE A 171 7.15 -3.72 14.82
C PHE A 171 5.67 -3.74 15.27
N GLY A 172 5.04 -4.92 15.24
CA GLY A 172 3.64 -5.10 15.59
C GLY A 172 3.40 -6.17 16.64
N ASN A 185 -3.34 -3.57 8.64
CA ASN A 185 -4.64 -4.05 9.13
C ASN A 185 -5.79 -3.95 8.08
N THR A 186 -5.54 -3.26 6.94
CA THR A 186 -6.50 -3.06 5.84
C THR A 186 -5.93 -3.57 4.50
N PHE A 187 -4.62 -3.37 4.27
CA PHE A 187 -3.91 -3.76 3.06
C PHE A 187 -2.89 -4.84 3.36
N ILE A 188 -2.72 -5.81 2.44
CA ILE A 188 -1.70 -6.85 2.52
C ILE A 188 -0.53 -6.15 1.83
N GLY A 189 0.60 -6.13 2.49
CA GLY A 189 1.79 -5.48 1.98
C GLY A 189 2.58 -6.30 0.97
N THR A 190 3.90 -6.09 0.98
CA THR A 190 4.83 -6.78 0.08
C THR A 190 5.06 -8.23 0.58
N PRO A 191 4.94 -9.24 -0.30
CA PRO A 191 5.03 -10.62 0.17
C PRO A 191 6.41 -11.26 0.32
N TYR A 192 7.42 -10.71 -0.36
CA TYR A 192 8.76 -11.28 -0.56
C TYR A 192 9.54 -11.74 0.69
N TRP A 193 9.26 -11.16 1.86
CA TRP A 193 9.94 -11.51 3.11
C TRP A 193 9.05 -12.37 4.03
N MET A 194 7.82 -12.70 3.60
CA MET A 194 6.85 -13.47 4.38
C MET A 194 7.20 -14.94 4.46
N ALA A 195 7.20 -15.48 5.68
CA ALA A 195 7.46 -16.90 5.98
C ALA A 195 6.33 -17.74 5.45
N PRO A 196 6.55 -19.02 5.07
CA PRO A 196 5.43 -19.82 4.52
C PRO A 196 4.18 -19.94 5.39
N GLU A 197 4.33 -19.97 6.72
CA GLU A 197 3.22 -20.11 7.69
C GLU A 197 2.29 -18.90 7.81
N VAL A 198 2.74 -17.71 7.39
CA VAL A 198 1.94 -16.49 7.49
C VAL A 198 1.03 -16.31 6.26
N ILE A 199 1.17 -17.18 5.26
CA ILE A 199 0.39 -17.14 4.02
C ILE A 199 -0.62 -18.27 4.06
N ALA A 200 -1.91 -17.92 4.02
CA ALA A 200 -2.98 -18.89 4.08
C ALA A 200 -3.18 -19.60 2.75
N CYS A 201 -3.28 -20.92 2.82
CA CYS A 201 -3.53 -21.84 1.72
C CYS A 201 -4.32 -23.04 2.27
N ASP A 202 -4.64 -24.04 1.43
CA ASP A 202 -5.50 -25.18 1.80
C ASP A 202 -5.03 -26.01 3.04
N GLU A 203 -3.71 -26.26 3.19
CA GLU A 203 -3.13 -27.00 4.31
C GLU A 203 -3.00 -26.11 5.56
N ASN A 204 -2.76 -24.80 5.33
CA ASN A 204 -2.56 -23.75 6.35
C ASN A 204 -3.74 -22.74 6.27
N PRO A 205 -4.99 -23.14 6.65
CA PRO A 205 -6.12 -22.19 6.56
C PRO A 205 -6.07 -21.03 7.54
N ASP A 206 -5.40 -21.21 8.68
CA ASP A 206 -5.27 -20.15 9.67
C ASP A 206 -3.82 -19.73 9.80
N ALA A 207 -3.38 -18.94 8.81
CA ALA A 207 -2.05 -18.38 8.65
C ALA A 207 -1.64 -17.65 9.92
N THR A 208 -0.71 -18.26 10.67
CA THR A 208 -0.31 -17.69 11.95
C THR A 208 1.14 -17.20 11.97
N TYR A 209 1.36 -16.09 12.69
CA TYR A 209 2.67 -15.52 12.91
C TYR A 209 3.22 -16.21 14.16
N ASP A 210 4.44 -16.72 14.03
CA ASP A 210 5.18 -17.34 15.11
C ASP A 210 6.42 -16.45 15.25
N TYR A 211 7.14 -16.53 16.38
CA TYR A 211 8.37 -15.76 16.61
C TYR A 211 9.38 -16.13 15.51
N ARG A 212 9.36 -17.41 15.09
CA ARG A 212 10.24 -17.99 14.05
C ARG A 212 10.01 -17.41 12.65
N SER A 213 8.84 -16.78 12.41
CA SER A 213 8.50 -16.10 11.15
C SER A 213 9.47 -14.94 10.90
N ASP A 214 9.91 -14.27 11.97
CA ASP A 214 10.87 -13.17 11.93
C ASP A 214 12.26 -13.67 11.50
N LEU A 215 12.54 -14.96 11.76
CA LEU A 215 13.80 -15.58 11.42
C LEU A 215 13.86 -15.90 9.96
N TRP A 216 12.73 -16.37 9.36
CA TRP A 216 12.66 -16.60 7.90
C TRP A 216 12.92 -15.27 7.21
N SER A 217 12.20 -14.22 7.63
CA SER A 217 12.32 -12.84 7.15
C SER A 217 13.74 -12.33 7.24
N CYS A 218 14.44 -12.67 8.35
CA CYS A 218 15.85 -12.33 8.57
C CYS A 218 16.76 -12.98 7.50
N GLY A 219 16.46 -14.21 7.12
CA GLY A 219 17.19 -14.96 6.10
C GLY A 219 17.02 -14.38 4.72
N ILE A 220 15.80 -13.92 4.42
CA ILE A 220 15.45 -13.26 3.16
C ILE A 220 16.17 -11.91 3.09
N THR A 221 16.27 -11.18 4.25
CA THR A 221 16.98 -9.90 4.39
C THR A 221 18.47 -10.11 4.15
N ALA A 222 18.99 -11.29 4.57
CA ALA A 222 20.38 -11.66 4.36
C ALA A 222 20.70 -11.96 2.88
N ILE A 223 19.71 -12.50 2.12
CA ILE A 223 19.85 -12.76 0.67
C ILE A 223 19.80 -11.40 -0.04
N GLU A 224 18.94 -10.51 0.46
CA GLU A 224 18.73 -9.17 -0.04
C GLU A 224 20.04 -8.36 0.07
N MET A 225 20.80 -8.54 1.17
CA MET A 225 22.09 -7.90 1.38
C MET A 225 23.15 -8.45 0.43
N ALA A 226 23.07 -9.75 0.16
CA ALA A 226 23.99 -10.49 -0.70
C ALA A 226 23.74 -10.32 -2.20
N GLU A 227 22.48 -10.15 -2.61
CA GLU A 227 22.07 -10.09 -4.03
C GLU A 227 21.42 -8.80 -4.47
N GLY A 228 21.16 -7.90 -3.53
CA GLY A 228 20.56 -6.61 -3.83
C GLY A 228 19.06 -6.59 -3.94
N ALA A 229 18.42 -7.77 -3.80
CA ALA A 229 16.98 -7.95 -3.91
C ALA A 229 16.56 -9.27 -3.26
N PRO A 230 15.27 -9.40 -2.82
CA PRO A 230 14.84 -10.68 -2.21
C PRO A 230 14.63 -11.75 -3.30
N PRO A 231 14.53 -13.05 -2.90
CA PRO A 231 14.41 -14.13 -3.90
C PRO A 231 13.34 -14.12 -5.02
N LEU A 232 12.14 -13.60 -4.92
CA LEU A 232 11.25 -13.74 -6.10
C LEU A 232 10.91 -12.37 -6.65
N CYS A 233 11.87 -11.42 -6.56
CA CYS A 233 11.73 -10.01 -6.97
C CYS A 233 11.16 -9.81 -8.37
N ASP A 234 11.47 -10.73 -9.30
CA ASP A 234 11.07 -10.72 -10.71
C ASP A 234 9.61 -11.15 -10.96
N MET A 235 8.94 -11.66 -9.91
CA MET A 235 7.55 -12.13 -9.93
C MET A 235 6.58 -11.02 -9.51
N HIS A 236 5.35 -11.08 -10.03
CA HIS A 236 4.25 -10.20 -9.63
C HIS A 236 3.99 -10.54 -8.13
N PRO A 237 3.75 -9.54 -7.23
CA PRO A 237 3.55 -9.89 -5.80
C PRO A 237 2.51 -10.98 -5.53
N MET A 238 1.46 -11.09 -6.38
CA MET A 238 0.44 -12.13 -6.22
C MET A 238 1.02 -13.50 -6.51
N ARG A 239 1.87 -13.60 -7.56
CA ARG A 239 2.55 -14.86 -7.91
C ARG A 239 3.57 -15.28 -6.80
N ALA A 240 4.35 -14.31 -6.25
CA ALA A 240 5.30 -14.57 -5.17
C ALA A 240 4.59 -15.15 -3.92
N LEU A 241 3.44 -14.57 -3.53
CA LEU A 241 2.60 -15.00 -2.41
C LEU A 241 2.12 -16.44 -2.59
N PHE A 242 1.76 -16.80 -3.83
CA PHE A 242 1.36 -18.15 -4.22
C PHE A 242 2.54 -19.12 -4.11
N LEU A 243 3.71 -18.72 -4.61
CA LEU A 243 4.92 -19.55 -4.67
C LEU A 243 5.67 -19.75 -3.34
N ILE A 244 5.72 -18.75 -2.43
CA ILE A 244 6.47 -18.87 -1.16
C ILE A 244 6.07 -20.17 -0.37
N PRO A 245 4.77 -20.51 -0.18
CA PRO A 245 4.45 -21.74 0.56
C PRO A 245 4.67 -23.05 -0.24
N ARG A 246 4.80 -22.98 -1.57
CA ARG A 246 4.92 -24.16 -2.42
C ARG A 246 6.36 -24.48 -2.83
N ASN A 247 7.16 -23.43 -3.10
CA ASN A 247 8.55 -23.55 -3.53
C ASN A 247 9.46 -24.08 -2.45
N PRO A 248 10.57 -24.77 -2.81
CA PRO A 248 11.54 -25.21 -1.77
C PRO A 248 12.19 -23.96 -1.15
N PRO A 249 12.93 -24.07 -0.01
CA PRO A 249 13.55 -22.87 0.55
C PRO A 249 14.47 -22.16 -0.44
N PRO A 250 14.39 -20.81 -0.51
CA PRO A 250 15.28 -20.06 -1.41
C PRO A 250 16.75 -20.26 -1.07
N ARG A 251 17.60 -20.17 -2.08
CA ARG A 251 19.04 -20.36 -2.00
C ARG A 251 19.75 -19.18 -2.64
N LEU A 252 21.04 -18.96 -2.25
CA LEU A 252 21.92 -17.93 -2.78
C LEU A 252 22.33 -18.38 -4.18
N LYS A 253 22.36 -17.44 -5.15
CA LYS A 253 22.69 -17.73 -6.55
C LYS A 253 24.16 -18.10 -6.73
N SER A 254 25.07 -17.25 -6.19
CA SER A 254 26.51 -17.45 -6.25
C SER A 254 27.03 -18.53 -5.31
N LYS A 255 28.19 -19.12 -5.68
CA LYS A 255 28.91 -20.15 -4.93
C LYS A 255 30.09 -19.54 -4.18
N LYS A 256 30.34 -18.24 -4.43
CA LYS A 256 31.41 -17.45 -3.85
C LYS A 256 31.34 -17.36 -2.32
N TRP A 257 30.14 -17.50 -1.76
CA TRP A 257 29.90 -17.41 -0.32
C TRP A 257 30.52 -18.58 0.44
N SER A 258 30.80 -18.36 1.73
CA SER A 258 31.37 -19.39 2.60
C SER A 258 30.32 -20.43 2.99
N LYS A 259 30.79 -21.58 3.46
CA LYS A 259 29.98 -22.68 3.95
C LYS A 259 29.13 -22.21 5.14
N LYS A 260 29.71 -21.34 5.99
CA LYS A 260 29.09 -20.72 7.16
C LYS A 260 27.88 -19.85 6.79
N PHE A 261 27.97 -19.08 5.67
CA PHE A 261 26.86 -18.24 5.20
C PHE A 261 25.70 -19.05 4.63
N PHE A 262 25.98 -20.10 3.81
CA PHE A 262 24.93 -20.97 3.22
C PHE A 262 24.19 -21.70 4.33
N SER A 263 24.92 -22.09 5.39
CA SER A 263 24.40 -22.77 6.58
C SER A 263 23.47 -21.84 7.37
N PHE A 264 23.84 -20.54 7.47
CA PHE A 264 23.03 -19.53 8.16
C PHE A 264 21.71 -19.31 7.40
N ILE A 265 21.79 -19.19 6.06
CA ILE A 265 20.62 -19.02 5.17
C ILE A 265 19.70 -20.23 5.29
N GLU A 266 20.30 -21.45 5.31
CA GLU A 266 19.58 -22.71 5.48
C GLU A 266 18.88 -22.75 6.85
N GLY A 267 19.55 -22.23 7.89
CA GLY A 267 19.03 -22.17 9.26
C GLY A 267 17.81 -21.27 9.35
N CYS A 268 17.88 -20.07 8.78
CA CYS A 268 16.78 -19.11 8.76
C CYS A 268 15.61 -19.63 7.92
N LEU A 269 15.92 -20.22 6.75
CA LEU A 269 14.92 -20.59 5.77
C LEU A 269 14.47 -22.07 5.85
N VAL A 270 14.30 -22.60 7.07
CA VAL A 270 13.73 -23.94 7.25
C VAL A 270 12.26 -23.71 6.88
N LYS A 271 11.77 -24.44 5.86
CA LYS A 271 10.41 -24.32 5.31
C LYS A 271 9.30 -24.46 6.37
N ASN A 272 9.37 -25.52 7.21
CA ASN A 272 8.41 -25.78 8.29
C ASN A 272 8.94 -25.13 9.57
N TYR A 273 8.24 -24.09 10.07
CA TYR A 273 8.65 -23.32 11.25
C TYR A 273 8.85 -24.19 12.51
N MET A 274 8.17 -25.34 12.59
CA MET A 274 8.29 -26.27 13.71
C MET A 274 9.71 -26.83 13.89
N GLN A 275 10.54 -26.92 12.80
CA GLN A 275 11.94 -27.40 12.88
C GLN A 275 12.92 -26.25 12.70
N ARG A 276 12.41 -25.04 12.51
CA ARG A 276 13.24 -23.85 12.36
C ARG A 276 13.88 -23.50 13.71
N PRO A 277 15.18 -23.11 13.73
CA PRO A 277 15.82 -22.76 15.02
C PRO A 277 15.29 -21.46 15.63
N SER A 278 15.49 -21.29 16.94
CA SER A 278 15.06 -20.09 17.67
C SER A 278 16.03 -18.96 17.40
N THR A 279 15.70 -17.75 17.87
CA THR A 279 16.56 -16.58 17.73
C THR A 279 17.84 -16.83 18.51
N GLU A 280 17.72 -17.41 19.73
CA GLU A 280 18.87 -17.75 20.57
C GLU A 280 19.80 -18.74 19.86
N GLN A 281 19.23 -19.77 19.19
CA GLN A 281 20.00 -20.76 18.43
C GLN A 281 20.73 -20.14 17.24
N LEU A 282 20.09 -19.20 16.51
CA LEU A 282 20.71 -18.50 15.38
C LEU A 282 21.82 -17.51 15.84
N LEU A 283 21.75 -17.05 17.11
CA LEU A 283 22.78 -16.17 17.68
C LEU A 283 24.06 -16.96 18.00
N LYS A 284 23.91 -18.29 18.13
CA LYS A 284 24.99 -19.24 18.38
C LYS A 284 25.54 -19.86 17.08
N HIS A 285 25.00 -19.46 15.90
CA HIS A 285 25.45 -19.96 14.60
C HIS A 285 26.85 -19.40 14.32
N PRO A 286 27.81 -20.23 13.83
CA PRO A 286 29.18 -19.73 13.54
C PRO A 286 29.29 -18.45 12.69
N PHE A 287 28.36 -18.27 11.70
CA PHE A 287 28.34 -17.09 10.84
C PHE A 287 28.08 -15.79 11.64
N ILE A 288 27.24 -15.87 12.69
CA ILE A 288 26.87 -14.75 13.56
C ILE A 288 27.80 -14.65 14.77
N ARG A 289 28.12 -15.80 15.38
CA ARG A 289 28.97 -15.93 16.57
C ARG A 289 30.42 -15.52 16.29
N ASP A 290 31.07 -16.11 15.26
CA ASP A 290 32.47 -15.87 14.91
C ASP A 290 32.66 -14.63 14.03
N GLN A 291 32.95 -13.48 14.66
CA GLN A 291 33.13 -12.20 13.96
C GLN A 291 34.40 -11.45 14.43
N PRO A 292 35.59 -11.81 13.90
CA PRO A 292 36.83 -11.17 14.37
C PRO A 292 37.01 -9.70 13.95
N ASN A 293 36.59 -9.38 12.70
CA ASN A 293 36.71 -8.04 12.11
C ASN A 293 35.50 -7.14 12.43
N GLU A 294 34.79 -7.44 13.54
CA GLU A 294 33.63 -6.75 14.08
C GLU A 294 33.86 -5.21 14.18
N ARG A 295 35.03 -4.80 14.67
CA ARG A 295 35.42 -3.39 14.81
C ARG A 295 35.79 -2.79 13.45
N GLN A 296 36.48 -3.56 12.60
CA GLN A 296 36.90 -3.18 11.25
C GLN A 296 35.70 -2.90 10.32
N VAL A 297 34.69 -3.80 10.37
CA VAL A 297 33.43 -3.75 9.58
C VAL A 297 32.62 -2.49 9.94
N ARG A 298 32.48 -2.20 11.24
CA ARG A 298 31.80 -1.04 11.79
C ARG A 298 32.40 0.26 11.22
N ILE A 299 33.76 0.32 11.09
CA ILE A 299 34.50 1.45 10.52
C ILE A 299 34.22 1.56 9.00
N GLN A 300 34.32 0.42 8.26
CA GLN A 300 34.06 0.35 6.82
C GLN A 300 32.64 0.84 6.49
N LEU A 301 31.65 0.50 7.34
CA LEU A 301 30.25 0.89 7.20
C LEU A 301 30.10 2.39 7.43
N LYS A 302 30.74 2.92 8.50
CA LYS A 302 30.76 4.34 8.87
C LYS A 302 31.34 5.16 7.71
N ASP A 303 32.44 4.65 7.10
CA ASP A 303 33.14 5.26 5.95
C ASP A 303 32.22 5.31 4.71
N HIS A 304 31.48 4.21 4.43
CA HIS A 304 30.52 4.09 3.32
C HIS A 304 29.35 5.09 3.48
N ILE A 305 28.92 5.34 4.74
CA ILE A 305 27.86 6.28 5.10
C ILE A 305 28.34 7.71 4.79
N ASP A 306 29.60 8.04 5.18
CA ASP A 306 30.28 9.33 4.96
C ASP A 306 30.28 9.75 3.48
N ARG A 307 30.26 8.74 2.57
CA ARG A 307 30.13 8.92 1.13
C ARG A 307 28.61 8.93 0.89
N THR A 308 27.99 10.09 1.19
CA THR A 308 26.55 10.36 1.10
C THR A 308 26.06 10.38 -0.35
N LEU B 9 -9.80 18.65 -24.54
CA LEU B 9 -9.05 19.75 -23.94
C LEU B 9 -7.79 20.06 -24.76
N VAL B 10 -7.56 21.36 -25.06
CA VAL B 10 -6.41 21.85 -25.84
C VAL B 10 -5.07 21.50 -25.19
N ASP B 11 -4.10 21.06 -26.01
CA ASP B 11 -2.73 20.68 -25.63
C ASP B 11 -2.65 19.58 -24.54
N ILE B 12 -3.16 18.38 -24.86
CA ILE B 12 -3.16 17.19 -23.98
C ILE B 12 -2.45 16.05 -24.71
N ASP B 13 -1.41 15.45 -24.09
CA ASP B 13 -0.69 14.36 -24.73
C ASP B 13 -0.57 13.10 -23.86
N LEU B 14 -1.34 12.05 -24.24
CA LEU B 14 -1.36 10.74 -23.57
C LEU B 14 -0.30 9.80 -24.17
N SER B 15 0.33 10.25 -25.27
CA SER B 15 1.35 9.52 -26.02
C SER B 15 2.78 9.78 -25.49
N SER B 16 2.99 10.85 -24.69
CA SER B 16 4.31 11.18 -24.15
C SER B 16 4.30 11.84 -22.75
N LEU B 17 5.48 11.77 -22.10
CA LEU B 17 5.83 12.29 -20.77
C LEU B 17 6.62 13.60 -20.99
N ARG B 18 5.96 14.75 -20.72
CA ARG B 18 6.47 16.13 -20.92
C ARG B 18 6.67 16.89 -19.58
N ASP B 19 7.31 18.10 -19.58
CA ASP B 19 7.42 18.88 -18.34
C ASP B 19 6.07 19.59 -18.15
N PRO B 20 5.44 19.58 -16.95
CA PRO B 20 4.14 20.24 -16.80
C PRO B 20 4.16 21.77 -16.82
N ALA B 21 5.36 22.39 -16.85
CA ALA B 21 5.60 23.84 -16.90
C ALA B 21 4.79 24.50 -18.04
N GLY B 22 3.80 25.30 -17.68
CA GLY B 22 2.95 25.99 -18.65
C GLY B 22 1.80 25.15 -19.19
N ILE B 23 1.63 23.94 -18.65
CA ILE B 23 0.51 23.06 -19.02
C ILE B 23 -0.38 22.91 -17.79
N PHE B 24 0.19 22.39 -16.69
CA PHE B 24 -0.51 22.22 -15.41
C PHE B 24 0.26 22.84 -14.26
N GLU B 25 -0.44 23.33 -13.26
CA GLU B 25 0.18 23.90 -12.06
C GLU B 25 -0.59 23.34 -10.88
N LEU B 26 0.04 23.32 -9.70
CA LEU B 26 -0.61 22.83 -8.48
C LEU B 26 -1.22 24.00 -7.68
N VAL B 27 -2.25 23.71 -6.88
CA VAL B 27 -2.90 24.73 -6.06
C VAL B 27 -2.43 24.56 -4.60
N GLU B 28 -2.70 23.40 -3.96
CA GLU B 28 -2.20 23.19 -2.59
C GLU B 28 -0.69 22.88 -2.56
N VAL B 29 -0.01 23.20 -1.42
CA VAL B 29 1.44 22.97 -1.21
C VAL B 29 1.70 21.46 -1.17
N VAL B 30 2.67 20.98 -1.99
CA VAL B 30 2.99 19.55 -2.15
C VAL B 30 4.25 19.11 -1.35
N GLY B 31 5.44 19.31 -1.92
CA GLY B 31 6.72 18.93 -1.32
C GLY B 31 7.17 17.51 -1.62
N ASN B 32 8.52 17.32 -1.74
CA ASN B 32 9.18 16.05 -2.02
C ASN B 32 8.94 15.01 -0.91
N GLY B 33 8.72 13.78 -1.35
CA GLY B 33 8.42 12.64 -0.48
C GLY B 33 7.03 12.11 -0.73
N THR B 34 6.43 12.52 -1.85
CA THR B 34 5.09 12.10 -2.28
C THR B 34 5.13 10.71 -2.91
N TYR B 35 3.99 10.01 -2.85
CA TYR B 35 3.82 8.65 -3.33
C TYR B 35 2.40 8.42 -3.93
N GLY B 36 1.83 9.49 -4.51
CA GLY B 36 0.51 9.55 -5.13
C GLY B 36 -0.67 9.25 -4.21
N GLN B 37 -1.21 10.22 -3.40
CA GLN B 37 -0.96 11.66 -3.15
C GLN B 37 -1.52 12.53 -4.28
N VAL B 38 -2.84 12.80 -4.20
CA VAL B 38 -3.58 13.61 -5.16
C VAL B 38 -3.71 15.02 -4.61
N TYR B 39 -3.49 16.02 -5.48
CA TYR B 39 -3.54 17.44 -5.16
C TYR B 39 -4.41 18.20 -6.16
N LYS B 40 -5.07 19.29 -5.71
CA LYS B 40 -5.92 20.15 -6.52
C LYS B 40 -4.94 20.97 -7.39
N GLY B 41 -5.21 21.03 -8.69
CA GLY B 41 -4.40 21.79 -9.63
C GLY B 41 -5.26 22.46 -10.69
N ARG B 42 -4.63 22.99 -11.76
CA ARG B 42 -5.38 23.62 -12.85
C ARG B 42 -4.60 23.65 -14.17
N HIS B 43 -5.33 23.63 -15.30
CA HIS B 43 -4.79 23.68 -16.66
C HIS B 43 -4.43 25.14 -16.90
N VAL B 44 -3.14 25.45 -16.62
CA VAL B 44 -2.58 26.80 -16.68
C VAL B 44 -2.43 27.26 -18.15
N LYS B 45 -3.58 27.65 -18.72
CA LYS B 45 -3.78 28.18 -20.07
C LYS B 45 -5.16 28.83 -20.07
N THR B 46 -6.20 27.99 -19.92
CA THR B 46 -7.64 28.24 -19.80
C THR B 46 -8.24 26.84 -19.62
N GLY B 47 -8.52 26.44 -18.38
CA GLY B 47 -8.38 27.22 -17.15
C GLY B 47 -9.01 26.50 -15.97
N GLN B 48 -9.68 25.36 -16.27
CA GLN B 48 -10.40 24.49 -15.36
C GLN B 48 -9.49 23.79 -14.35
N LEU B 49 -10.08 23.29 -13.24
CA LEU B 49 -9.41 22.54 -12.17
C LEU B 49 -9.13 21.10 -12.59
N ALA B 50 -8.09 20.50 -12.00
CA ALA B 50 -7.66 19.14 -12.30
C ALA B 50 -7.09 18.46 -11.07
N ALA B 51 -7.27 17.13 -10.99
CA ALA B 51 -6.73 16.34 -9.89
C ALA B 51 -5.35 15.84 -10.33
N ILE B 52 -4.29 16.19 -9.58
CA ILE B 52 -2.90 15.83 -9.92
C ILE B 52 -2.27 14.92 -8.85
N LYS B 53 -1.99 13.66 -9.25
CA LYS B 53 -1.36 12.61 -8.45
C LYS B 53 0.17 12.74 -8.58
N VAL B 54 0.85 13.21 -7.52
CA VAL B 54 2.30 13.40 -7.54
C VAL B 54 3.00 12.18 -6.92
N MET B 55 3.88 11.54 -7.68
CA MET B 55 4.62 10.33 -7.28
C MET B 55 6.10 10.52 -7.53
N ASP B 56 6.95 10.28 -6.52
CA ASP B 56 8.39 10.39 -6.74
C ASP B 56 8.87 9.09 -7.38
N VAL B 57 9.60 9.20 -8.49
CA VAL B 57 10.09 8.07 -9.31
C VAL B 57 11.59 8.15 -9.65
N THR B 58 12.24 6.97 -9.71
CA THR B 58 13.67 6.85 -10.04
C THR B 58 13.90 7.04 -11.55
N GLU B 59 15.16 7.09 -11.98
CA GLU B 59 15.51 7.21 -13.41
C GLU B 59 15.04 5.95 -14.20
N ASP B 60 14.97 4.78 -13.52
CA ASP B 60 14.54 3.49 -14.07
C ASP B 60 13.02 3.40 -14.17
N GLU B 61 12.30 3.95 -13.16
CA GLU B 61 10.83 4.02 -13.12
C GLU B 61 10.34 4.98 -14.21
N GLU B 62 11.14 6.04 -14.50
CA GLU B 62 10.94 7.05 -15.54
C GLU B 62 10.92 6.34 -16.89
N GLU B 63 11.87 5.38 -17.09
CA GLU B 63 11.96 4.57 -18.29
C GLU B 63 10.81 3.57 -18.39
N GLU B 64 10.41 2.98 -17.23
CA GLU B 64 9.30 2.04 -17.07
C GLU B 64 7.97 2.74 -17.44
N ILE B 65 7.86 4.04 -17.12
CA ILE B 65 6.70 4.86 -17.44
C ILE B 65 6.63 5.13 -18.96
N LYS B 66 7.75 5.54 -19.57
CA LYS B 66 7.85 5.78 -21.00
C LYS B 66 7.37 4.56 -21.81
N LEU B 67 7.79 3.33 -21.38
CA LEU B 67 7.38 2.07 -21.99
C LEU B 67 5.88 1.81 -21.79
N GLU B 68 5.39 2.01 -20.56
CA GLU B 68 3.98 1.81 -20.19
C GLU B 68 3.01 2.72 -20.95
N ILE B 69 3.48 3.92 -21.35
CA ILE B 69 2.74 4.91 -22.14
C ILE B 69 2.56 4.41 -23.58
N ASN B 70 3.53 3.62 -24.09
CA ASN B 70 3.44 3.04 -25.43
C ASN B 70 2.40 1.94 -25.47
N MET B 71 2.13 1.32 -24.29
CA MET B 71 1.15 0.26 -24.13
C MET B 71 -0.28 0.79 -23.87
N LEU B 72 -0.46 2.11 -23.79
CA LEU B 72 -1.76 2.72 -23.52
C LEU B 72 -2.78 2.54 -24.65
N LYS B 73 -3.95 2.02 -24.31
CA LYS B 73 -5.07 1.87 -25.24
C LYS B 73 -5.82 3.23 -25.26
N LYS B 74 -6.28 3.67 -26.44
CA LYS B 74 -6.98 4.95 -26.61
C LYS B 74 -8.49 4.85 -26.54
N TYR B 75 -9.13 5.74 -25.77
CA TYR B 75 -10.57 5.81 -25.62
C TYR B 75 -11.04 7.26 -25.43
N SER B 76 -12.18 7.60 -26.08
CA SER B 76 -12.82 8.92 -26.02
C SER B 76 -13.28 9.28 -24.61
N HIS B 77 -13.64 10.56 -24.40
CA HIS B 77 -14.13 11.08 -23.13
C HIS B 77 -15.51 10.50 -22.85
N HIS B 78 -15.72 9.99 -21.64
CA HIS B 78 -17.03 9.46 -21.27
C HIS B 78 -17.49 10.20 -20.03
N ARG B 79 -18.79 10.56 -20.02
CA ARG B 79 -19.49 11.28 -18.96
C ARG B 79 -19.40 10.62 -17.58
N ASN B 80 -19.08 9.31 -17.54
CA ASN B 80 -18.96 8.51 -16.32
C ASN B 80 -17.51 8.15 -15.97
N ILE B 81 -16.55 8.85 -16.58
CA ILE B 81 -15.13 8.66 -16.36
C ILE B 81 -14.50 10.04 -16.19
N ALA B 82 -13.78 10.22 -15.05
CA ALA B 82 -13.01 11.42 -14.73
C ALA B 82 -11.85 11.31 -15.70
N THR B 83 -11.87 12.18 -16.72
CA THR B 83 -10.98 12.18 -17.87
C THR B 83 -9.48 12.26 -17.52
N TYR B 84 -8.73 11.26 -18.00
CA TYR B 84 -7.27 11.17 -17.87
C TYR B 84 -6.66 12.23 -18.83
N TYR B 85 -6.04 13.26 -18.25
CA TYR B 85 -5.46 14.38 -19.01
C TYR B 85 -3.99 14.20 -19.36
N GLY B 86 -3.41 13.05 -18.99
CA GLY B 86 -2.02 12.74 -19.30
C GLY B 86 -1.07 12.63 -18.13
N ALA B 87 0.18 12.39 -18.46
CA ALA B 87 1.28 12.20 -17.54
C ALA B 87 2.45 13.12 -17.87
N PHE B 88 3.06 13.68 -16.83
CA PHE B 88 4.15 14.63 -16.92
C PHE B 88 5.27 14.31 -15.95
N ILE B 89 6.48 14.78 -16.25
CA ILE B 89 7.63 14.59 -15.39
C ILE B 89 8.31 15.94 -15.10
N LYS B 90 8.43 16.25 -13.81
CA LYS B 90 9.09 17.47 -13.37
C LYS B 90 10.47 17.06 -12.84
N LYS B 91 11.53 17.33 -13.65
CA LYS B 91 12.92 16.99 -13.30
C LYS B 91 13.42 17.93 -12.20
N SER B 92 12.90 17.74 -10.97
CA SER B 92 13.17 18.57 -9.82
C SER B 92 13.05 17.81 -8.49
N PRO B 93 13.92 18.09 -7.48
CA PRO B 93 15.07 19.01 -7.48
C PRO B 93 16.41 18.33 -7.86
N PRO B 94 17.45 19.05 -8.33
CA PRO B 94 18.73 18.38 -8.64
C PRO B 94 19.42 17.92 -7.34
N GLY B 95 19.17 16.67 -6.99
CA GLY B 95 19.66 16.01 -5.78
C GLY B 95 18.75 14.86 -5.38
N HIS B 96 17.44 15.16 -5.22
CA HIS B 96 16.39 14.20 -4.87
C HIS B 96 15.75 13.59 -6.14
N ASP B 97 14.70 12.75 -5.94
CA ASP B 97 13.94 12.05 -6.99
C ASP B 97 13.06 13.01 -7.81
N ASP B 98 12.84 12.67 -9.10
CA ASP B 98 11.98 13.42 -10.01
C ASP B 98 10.52 13.04 -9.73
N GLN B 99 9.59 13.97 -9.94
CA GLN B 99 8.19 13.72 -9.66
C GLN B 99 7.33 13.53 -10.89
N LEU B 100 6.55 12.45 -10.88
CA LEU B 100 5.61 12.07 -11.92
C LEU B 100 4.25 12.65 -11.55
N TRP B 101 3.64 13.42 -12.47
CA TRP B 101 2.31 13.98 -12.26
C TRP B 101 1.32 13.22 -13.11
N LEU B 102 0.31 12.65 -12.47
CA LEU B 102 -0.77 11.95 -13.17
C LEU B 102 -1.97 12.88 -13.11
N VAL B 103 -2.37 13.39 -14.29
CA VAL B 103 -3.45 14.37 -14.35
C VAL B 103 -4.79 13.74 -14.73
N MET B 104 -5.85 14.21 -14.06
CA MET B 104 -7.22 13.77 -14.20
C MET B 104 -8.21 14.94 -13.97
N GLU B 105 -9.49 14.73 -14.33
CA GLU B 105 -10.62 15.63 -14.12
C GLU B 105 -10.87 15.72 -12.61
N PHE B 106 -11.27 16.90 -12.14
CA PHE B 106 -11.50 17.19 -10.73
C PHE B 106 -13.00 17.04 -10.35
N CYS B 107 -13.26 16.20 -9.32
CA CYS B 107 -14.61 15.92 -8.80
C CYS B 107 -14.63 16.32 -7.33
N GLY B 108 -15.40 17.38 -7.03
CA GLY B 108 -15.48 18.05 -5.74
C GLY B 108 -16.26 17.46 -4.59
N ALA B 109 -17.28 16.61 -4.86
CA ALA B 109 -18.10 16.03 -3.80
C ALA B 109 -17.50 14.76 -3.14
N GLY B 110 -16.30 14.41 -3.55
CA GLY B 110 -15.61 13.24 -3.02
C GLY B 110 -16.12 11.93 -3.59
N SER B 111 -15.97 10.84 -2.82
CA SER B 111 -16.33 9.49 -3.22
C SER B 111 -17.67 8.98 -2.69
N ILE B 112 -18.07 7.81 -3.18
CA ILE B 112 -19.24 7.05 -2.81
C ILE B 112 -19.09 6.57 -1.37
N THR B 113 -17.85 6.22 -0.95
CA THR B 113 -17.49 5.81 0.42
C THR B 113 -17.76 6.99 1.38
N ASP B 114 -17.45 8.23 0.95
CA ASP B 114 -17.69 9.44 1.73
C ASP B 114 -19.20 9.63 1.90
N LEU B 115 -19.95 9.42 0.81
CA LEU B 115 -21.41 9.52 0.77
C LEU B 115 -22.08 8.55 1.76
N VAL B 116 -21.62 7.28 1.83
CA VAL B 116 -22.16 6.25 2.74
C VAL B 116 -21.84 6.61 4.19
N LYS B 117 -20.61 7.09 4.43
CA LYS B 117 -20.17 7.46 5.77
C LYS B 117 -20.84 8.75 6.27
N ASN B 118 -21.30 9.60 5.33
CA ASN B 118 -22.00 10.84 5.68
C ASN B 118 -23.55 10.66 5.71
N THR B 119 -24.05 9.42 5.53
CA THR B 119 -25.49 9.08 5.61
C THR B 119 -25.83 8.21 6.84
N LYS B 120 -27.13 8.11 7.17
CA LYS B 120 -27.79 7.33 8.24
C LYS B 120 -26.81 6.76 9.26
N GLY B 121 -26.33 5.55 8.98
CA GLY B 121 -25.35 4.86 9.81
C GLY B 121 -25.22 3.37 9.54
N ASN B 122 -24.71 2.95 8.37
CA ASN B 122 -24.27 3.69 7.17
C ASN B 122 -24.82 2.86 6.02
N THR B 123 -25.89 3.35 5.39
CA THR B 123 -26.61 2.68 4.31
C THR B 123 -27.13 3.73 3.32
N LEU B 124 -27.41 3.32 2.07
CA LEU B 124 -27.96 4.18 1.03
C LEU B 124 -29.30 3.60 0.59
N LYS B 125 -30.21 4.47 0.12
CA LYS B 125 -31.53 4.05 -0.39
C LYS B 125 -31.33 3.16 -1.61
N GLU B 126 -32.19 2.13 -1.78
CA GLU B 126 -32.09 1.21 -2.91
C GLU B 126 -32.09 1.87 -4.30
N ASP B 127 -32.84 2.97 -4.47
CA ASP B 127 -32.91 3.72 -5.73
C ASP B 127 -31.62 4.53 -5.97
N TRP B 128 -30.88 4.87 -4.91
CA TRP B 128 -29.59 5.55 -4.94
C TRP B 128 -28.52 4.53 -5.38
N ILE B 129 -28.62 3.29 -4.85
CA ILE B 129 -27.72 2.18 -5.17
C ILE B 129 -27.93 1.79 -6.64
N ALA B 130 -29.20 1.76 -7.12
CA ALA B 130 -29.57 1.46 -8.52
C ALA B 130 -28.97 2.49 -9.47
N TYR B 131 -29.13 3.80 -9.16
CA TYR B 131 -28.63 4.92 -9.95
C TYR B 131 -27.11 4.90 -10.05
N ILE B 132 -26.42 4.85 -8.89
CA ILE B 132 -24.96 4.85 -8.80
C ILE B 132 -24.37 3.63 -9.52
N SER B 133 -24.93 2.42 -9.29
CA SER B 133 -24.49 1.16 -9.92
C SER B 133 -24.53 1.26 -11.45
N ARG B 134 -25.61 1.83 -12.01
CA ARG B 134 -25.80 2.00 -13.46
C ARG B 134 -24.75 2.95 -14.03
N GLU B 135 -24.40 4.01 -13.27
CA GLU B 135 -23.36 4.95 -13.70
C GLU B 135 -21.98 4.28 -13.68
N ILE B 136 -21.75 3.35 -12.72
CA ILE B 136 -20.51 2.55 -12.62
C ILE B 136 -20.43 1.62 -13.86
N LEU B 137 -21.53 0.91 -14.14
CA LEU B 137 -21.66 0.00 -15.27
C LEU B 137 -21.51 0.70 -16.61
N ARG B 138 -22.06 1.92 -16.75
CA ARG B 138 -21.95 2.72 -17.97
C ARG B 138 -20.51 3.16 -18.23
N GLY B 139 -19.79 3.49 -17.16
CA GLY B 139 -18.38 3.86 -17.22
C GLY B 139 -17.51 2.65 -17.57
N LEU B 140 -17.85 1.48 -17.00
CA LEU B 140 -17.13 0.22 -17.27
C LEU B 140 -17.38 -0.25 -18.68
N ALA B 141 -18.62 -0.11 -19.19
CA ALA B 141 -19.00 -0.52 -20.55
C ALA B 141 -18.13 0.19 -21.57
N HIS B 142 -17.90 1.52 -21.36
CA HIS B 142 -17.05 2.35 -22.20
C HIS B 142 -15.62 1.86 -22.21
N LEU B 143 -15.08 1.46 -21.03
CA LEU B 143 -13.72 0.95 -20.91
C LEU B 143 -13.58 -0.41 -21.55
N HIS B 144 -14.56 -1.32 -21.31
CA HIS B 144 -14.57 -2.68 -21.82
C HIS B 144 -14.72 -2.76 -23.34
N ILE B 145 -15.49 -1.81 -23.96
CA ILE B 145 -15.66 -1.66 -25.41
C ILE B 145 -14.29 -1.36 -26.05
N HIS B 146 -13.46 -0.55 -25.36
CA HIS B 146 -12.12 -0.16 -25.80
C HIS B 146 -11.02 -1.12 -25.27
N HIS B 147 -11.44 -2.26 -24.72
CA HIS B 147 -10.61 -3.37 -24.22
C HIS B 147 -9.73 -3.01 -23.02
N VAL B 148 -10.26 -2.15 -22.14
CA VAL B 148 -9.60 -1.68 -20.93
C VAL B 148 -10.34 -2.23 -19.69
N ILE B 149 -9.57 -2.77 -18.71
CA ILE B 149 -10.08 -3.28 -17.43
C ILE B 149 -9.69 -2.20 -16.39
N HIS B 150 -10.65 -1.70 -15.59
CA HIS B 150 -10.39 -0.68 -14.57
C HIS B 150 -9.43 -1.19 -13.49
N ARG B 151 -9.65 -2.45 -13.03
CA ARG B 151 -8.85 -3.23 -12.06
C ARG B 151 -9.00 -2.81 -10.60
N ASP B 152 -9.68 -1.68 -10.30
CA ASP B 152 -9.83 -1.23 -8.92
C ASP B 152 -11.17 -0.54 -8.67
N ILE B 153 -12.28 -1.23 -8.99
CA ILE B 153 -13.62 -0.70 -8.73
C ILE B 153 -13.96 -0.96 -7.26
N LYS B 154 -14.22 0.12 -6.54
CA LYS B 154 -14.56 0.20 -5.12
C LYS B 154 -15.14 1.59 -4.91
N GLY B 155 -15.82 1.79 -3.78
CA GLY B 155 -16.45 3.06 -3.42
C GLY B 155 -15.55 4.28 -3.46
N GLN B 156 -14.29 4.12 -3.03
CA GLN B 156 -13.30 5.19 -2.98
C GLN B 156 -12.90 5.66 -4.39
N ASN B 157 -13.03 4.78 -5.39
CA ASN B 157 -12.68 5.07 -6.78
C ASN B 157 -13.89 5.44 -7.65
N VAL B 158 -15.05 5.66 -7.01
CA VAL B 158 -16.27 6.10 -7.68
C VAL B 158 -16.56 7.46 -7.08
N LEU B 159 -16.39 8.51 -7.88
CA LEU B 159 -16.52 9.88 -7.41
C LEU B 159 -17.78 10.61 -7.89
N LEU B 160 -18.13 11.67 -7.15
CA LEU B 160 -19.27 12.56 -7.41
C LEU B 160 -18.78 13.97 -7.67
N THR B 161 -19.42 14.68 -8.61
CA THR B 161 -19.09 16.07 -8.92
C THR B 161 -20.02 17.00 -8.11
N GLU B 162 -19.95 18.35 -8.40
CA GLU B 162 -20.75 19.46 -7.85
C GLU B 162 -22.25 19.20 -8.10
N ASN B 163 -22.57 18.77 -9.33
CA ASN B 163 -23.87 18.30 -9.80
C ASN B 163 -23.81 16.80 -9.51
N ALA B 164 -24.93 16.07 -9.48
CA ALA B 164 -24.88 14.63 -9.15
C ALA B 164 -24.27 13.73 -10.28
N GLU B 165 -23.03 14.03 -10.74
CA GLU B 165 -22.41 13.25 -11.80
C GLU B 165 -21.52 12.19 -11.19
N VAL B 166 -21.73 10.93 -11.58
CA VAL B 166 -20.93 9.80 -11.10
C VAL B 166 -19.80 9.53 -12.11
N LYS B 167 -18.55 9.63 -11.65
CA LYS B 167 -17.36 9.45 -12.51
C LYS B 167 -16.34 8.51 -11.88
N LEU B 168 -15.77 7.64 -12.71
CA LEU B 168 -14.77 6.67 -12.31
C LEU B 168 -13.37 7.27 -12.35
N VAL B 169 -12.55 6.96 -11.34
CA VAL B 169 -11.16 7.42 -11.25
C VAL B 169 -10.34 6.81 -12.41
N ASP B 170 -9.64 7.67 -13.17
CA ASP B 170 -8.82 7.23 -14.28
C ASP B 170 -7.54 8.08 -14.37
N PHE B 171 -6.43 7.53 -13.79
CA PHE B 171 -5.08 8.12 -13.83
C PHE B 171 -4.26 7.23 -14.78
N GLY B 172 -4.91 6.79 -15.85
CA GLY B 172 -4.32 5.92 -16.86
C GLY B 172 -4.48 4.45 -16.53
N VAL B 173 -5.73 4.03 -16.23
CA VAL B 173 -6.13 2.64 -15.89
C VAL B 173 -5.73 1.60 -16.97
N SER B 174 -5.59 2.05 -18.23
CA SER B 174 -5.22 1.23 -19.38
C SER B 174 -3.84 0.59 -19.22
N ALA B 175 -2.89 1.31 -18.56
CA ALA B 175 -1.53 0.84 -18.31
C ALA B 175 -1.22 0.69 -16.80
N GLN B 176 -2.16 1.09 -15.91
CA GLN B 176 -2.09 1.00 -14.44
C GLN B 176 -0.91 1.83 -13.92
N LEU B 177 -0.72 2.99 -14.52
CA LEU B 177 0.38 3.94 -14.29
C LEU B 177 0.56 4.40 -12.82
N ASP B 178 -0.51 4.34 -12.00
CA ASP B 178 -0.48 4.72 -10.59
C ASP B 178 -0.14 3.55 -9.65
N ARG B 179 -0.31 2.31 -10.13
CA ARG B 179 -0.07 1.09 -9.36
C ARG B 179 1.29 0.40 -9.63
N THR B 180 1.88 0.67 -10.81
CA THR B 180 3.12 0.02 -11.28
C THR B 180 4.44 0.63 -10.82
N VAL B 181 4.44 1.91 -10.43
CA VAL B 181 5.67 2.59 -10.01
C VAL B 181 5.52 3.17 -8.60
N GLY B 182 6.65 3.50 -7.98
CA GLY B 182 6.70 4.03 -6.62
C GLY B 182 6.97 2.94 -5.61
N ARG B 183 7.59 3.29 -4.45
CA ARG B 183 7.95 2.34 -3.38
C ARG B 183 6.82 1.34 -2.99
N ARG B 184 5.54 1.77 -3.04
CA ARG B 184 4.35 0.97 -2.73
C ARG B 184 3.81 0.08 -3.88
N ASN B 185 4.52 -0.02 -5.02
CA ASN B 185 4.08 -0.81 -6.17
C ASN B 185 4.05 -2.34 -5.90
N THR B 186 5.01 -2.84 -5.10
CA THR B 186 5.21 -4.25 -4.70
C THR B 186 4.20 -4.79 -3.68
N PHE B 187 3.32 -3.92 -3.18
CA PHE B 187 2.29 -4.23 -2.18
C PHE B 187 1.12 -4.93 -2.84
N ILE B 188 0.50 -5.88 -2.13
CA ILE B 188 -0.67 -6.62 -2.62
C ILE B 188 -1.96 -5.77 -2.67
N GLY B 189 -2.16 -4.87 -1.72
CA GLY B 189 -3.35 -4.01 -1.71
C GLY B 189 -4.45 -4.56 -0.84
N THR B 190 -5.58 -3.84 -0.81
CA THR B 190 -6.75 -4.26 -0.05
C THR B 190 -7.48 -5.39 -0.80
N PRO B 191 -7.77 -6.53 -0.15
CA PRO B 191 -8.39 -7.65 -0.88
C PRO B 191 -9.91 -7.64 -1.10
N TYR B 192 -10.66 -6.89 -0.27
CA TYR B 192 -12.11 -6.93 -0.12
C TYR B 192 -12.97 -6.77 -1.41
N TRP B 193 -12.47 -6.11 -2.45
CA TRP B 193 -13.21 -5.90 -3.72
C TRP B 193 -12.70 -6.79 -4.85
N MET B 194 -11.66 -7.62 -4.55
CA MET B 194 -11.01 -8.53 -5.50
C MET B 194 -11.90 -9.72 -5.87
N ALA B 195 -12.06 -9.94 -7.18
CA ALA B 195 -12.81 -11.06 -7.75
C ALA B 195 -12.04 -12.35 -7.47
N PRO B 196 -12.71 -13.52 -7.35
CA PRO B 196 -11.95 -14.77 -7.06
C PRO B 196 -10.79 -15.10 -7.99
N GLU B 197 -10.91 -14.76 -9.29
CA GLU B 197 -9.90 -15.05 -10.32
C GLU B 197 -8.61 -14.26 -10.21
N VAL B 198 -8.62 -13.10 -9.55
CA VAL B 198 -7.42 -12.25 -9.44
C VAL B 198 -6.53 -12.69 -8.26
N ILE B 199 -6.99 -13.65 -7.44
CA ILE B 199 -6.29 -14.19 -6.27
C ILE B 199 -5.74 -15.57 -6.61
N ALA B 200 -4.41 -15.72 -6.60
CA ALA B 200 -3.79 -16.99 -6.91
C ALA B 200 -3.90 -17.98 -5.75
N CYS B 201 -4.48 -19.15 -6.01
CA CYS B 201 -4.67 -20.25 -5.05
C CYS B 201 -4.55 -21.61 -5.77
N ASP B 202 -4.61 -22.74 -5.04
CA ASP B 202 -4.55 -24.04 -5.71
C ASP B 202 -5.92 -24.22 -6.40
N GLU B 203 -5.89 -24.22 -7.76
CA GLU B 203 -6.97 -24.31 -8.76
C GLU B 203 -7.22 -22.93 -9.45
N ASN B 204 -6.20 -22.04 -9.35
CA ASN B 204 -6.02 -20.75 -10.02
C ASN B 204 -4.55 -20.29 -9.85
N PRO B 205 -3.53 -21.04 -10.38
CA PRO B 205 -2.13 -20.63 -10.19
C PRO B 205 -1.74 -19.35 -10.93
N ASP B 206 -2.44 -19.03 -12.04
CA ASP B 206 -2.15 -17.82 -12.80
C ASP B 206 -3.32 -16.85 -12.73
N ALA B 207 -3.42 -16.19 -11.58
CA ALA B 207 -4.43 -15.20 -11.21
C ALA B 207 -4.48 -14.10 -12.27
N THR B 208 -5.55 -14.08 -13.06
CA THR B 208 -5.68 -13.11 -14.14
C THR B 208 -6.86 -12.13 -13.98
N TYR B 209 -6.68 -10.89 -14.45
CA TYR B 209 -7.74 -9.88 -14.50
C TYR B 209 -8.48 -10.05 -15.82
N ASP B 210 -9.80 -10.16 -15.73
CA ASP B 210 -10.69 -10.25 -16.88
C ASP B 210 -11.59 -9.03 -16.76
N TYR B 211 -12.31 -8.66 -17.84
CA TYR B 211 -13.24 -7.51 -17.83
C TYR B 211 -14.31 -7.75 -16.77
N ARG B 212 -14.72 -9.02 -16.62
CA ARG B 212 -15.74 -9.48 -15.69
C ARG B 212 -15.29 -9.39 -14.21
N SER B 213 -14.00 -9.12 -13.93
CA SER B 213 -13.47 -8.87 -12.58
C SER B 213 -14.02 -7.55 -12.04
N ASP B 214 -14.20 -6.56 -12.94
CA ASP B 214 -14.76 -5.24 -12.63
C ASP B 214 -16.23 -5.34 -12.21
N LEU B 215 -16.95 -6.33 -12.76
CA LEU B 215 -18.36 -6.64 -12.47
C LEU B 215 -18.52 -7.24 -11.06
N TRP B 216 -17.60 -8.12 -10.62
CA TRP B 216 -17.60 -8.66 -9.25
C TRP B 216 -17.40 -7.49 -8.29
N SER B 217 -16.34 -6.67 -8.54
CA SER B 217 -15.97 -5.47 -7.79
C SER B 217 -17.14 -4.51 -7.68
N CYS B 218 -17.93 -4.36 -8.77
CA CYS B 218 -19.14 -3.54 -8.83
C CYS B 218 -20.22 -4.05 -7.85
N GLY B 219 -20.35 -5.37 -7.73
CA GLY B 219 -21.30 -6.02 -6.82
C GLY B 219 -20.92 -5.82 -5.37
N ILE B 220 -19.59 -5.85 -5.08
CA ILE B 220 -19.03 -5.62 -3.75
C ILE B 220 -19.25 -4.14 -3.38
N THR B 221 -19.08 -3.21 -4.35
CA THR B 221 -19.31 -1.77 -4.21
C THR B 221 -20.80 -1.51 -3.92
N ALA B 222 -21.69 -2.33 -4.49
CA ALA B 222 -23.13 -2.23 -4.27
C ALA B 222 -23.52 -2.70 -2.85
N ILE B 223 -22.77 -3.69 -2.29
CA ILE B 223 -22.99 -4.17 -0.90
C ILE B 223 -22.45 -3.09 0.04
N GLU B 224 -21.34 -2.45 -0.35
CA GLU B 224 -20.67 -1.38 0.37
C GLU B 224 -21.62 -0.16 0.51
N MET B 225 -22.41 0.13 -0.55
CA MET B 225 -23.39 1.21 -0.55
C MET B 225 -24.59 0.88 0.36
N ALA B 226 -24.97 -0.42 0.38
CA ALA B 226 -26.07 -0.96 1.16
C ALA B 226 -25.76 -1.18 2.64
N GLU B 227 -24.52 -1.54 2.99
CA GLU B 227 -24.11 -1.89 4.35
C GLU B 227 -23.03 -1.01 4.97
N GLY B 228 -22.49 -0.07 4.19
CA GLY B 228 -21.46 0.86 4.65
C GLY B 228 -20.05 0.34 4.66
N ALA B 229 -19.87 -0.95 4.29
CA ALA B 229 -18.58 -1.66 4.26
C ALA B 229 -18.66 -2.87 3.34
N PRO B 230 -17.51 -3.35 2.81
CA PRO B 230 -17.56 -4.55 1.95
C PRO B 230 -17.74 -5.84 2.77
N PRO B 231 -18.17 -6.96 2.13
CA PRO B 231 -18.26 -8.23 2.86
C PRO B 231 -16.81 -8.61 3.19
N LEU B 232 -16.65 -9.05 4.39
CA LEU B 232 -15.45 -9.57 5.06
C LEU B 232 -14.60 -8.49 5.74
N CYS B 233 -15.13 -7.25 5.89
CA CYS B 233 -14.49 -6.11 6.54
C CYS B 233 -13.92 -6.44 7.95
N ASP B 234 -14.58 -7.34 8.69
CA ASP B 234 -14.22 -7.78 10.04
C ASP B 234 -13.04 -8.76 10.11
N MET B 235 -12.59 -9.25 8.95
CA MET B 235 -11.47 -10.19 8.79
C MET B 235 -10.15 -9.47 8.55
N HIS B 236 -9.05 -10.10 9.00
CA HIS B 236 -7.69 -9.64 8.73
C HIS B 236 -7.53 -9.73 7.19
N PRO B 237 -6.91 -8.76 6.49
CA PRO B 237 -6.82 -8.85 5.02
C PRO B 237 -6.27 -10.16 4.47
N MET B 238 -5.37 -10.85 5.21
CA MET B 238 -4.82 -12.14 4.80
C MET B 238 -5.91 -13.21 4.84
N ARG B 239 -6.76 -13.18 5.88
CA ARG B 239 -7.87 -14.13 6.00
C ARG B 239 -8.92 -13.89 4.89
N ALA B 240 -9.27 -12.62 4.59
CA ALA B 240 -10.21 -12.24 3.53
C ALA B 240 -9.74 -12.77 2.16
N LEU B 241 -8.44 -12.59 1.85
CA LEU B 241 -7.79 -13.04 0.60
C LEU B 241 -7.88 -14.56 0.45
N PHE B 242 -7.72 -15.29 1.57
CA PHE B 242 -7.85 -16.74 1.64
C PHE B 242 -9.30 -17.16 1.37
N LEU B 243 -10.27 -16.47 2.02
CA LEU B 243 -11.69 -16.79 1.96
C LEU B 243 -12.41 -16.40 0.65
N ILE B 244 -12.07 -15.26 -0.01
CA ILE B 244 -12.77 -14.84 -1.24
C ILE B 244 -12.82 -15.97 -2.31
N PRO B 245 -11.73 -16.68 -2.66
CA PRO B 245 -11.84 -17.75 -3.67
C PRO B 245 -12.50 -19.04 -3.17
N ARG B 246 -12.64 -19.24 -1.85
CA ARG B 246 -13.21 -20.48 -1.29
C ARG B 246 -14.66 -20.37 -0.85
N ASN B 247 -15.04 -19.21 -0.30
CA ASN B 247 -16.39 -18.98 0.18
C ASN B 247 -17.41 -18.93 -0.95
N PRO B 248 -18.70 -19.26 -0.68
CA PRO B 248 -19.73 -19.07 -1.72
C PRO B 248 -19.88 -17.56 -1.99
N PRO B 249 -20.56 -17.11 -3.07
CA PRO B 249 -20.66 -15.66 -3.32
C PRO B 249 -21.26 -14.91 -2.13
N PRO B 250 -20.66 -13.75 -1.75
CA PRO B 250 -21.22 -12.95 -0.64
C PRO B 250 -22.67 -12.54 -0.89
N ARG B 251 -23.43 -12.40 0.19
CA ARG B 251 -24.83 -12.02 0.19
C ARG B 251 -25.06 -10.83 1.11
N LEU B 252 -26.18 -10.10 0.89
CA LEU B 252 -26.63 -8.98 1.70
C LEU B 252 -27.12 -9.55 3.03
N LYS B 253 -26.81 -8.88 4.15
CA LYS B 253 -27.19 -9.34 5.49
C LYS B 253 -28.69 -9.25 5.75
N SER B 254 -29.29 -8.08 5.43
CA SER B 254 -30.72 -7.82 5.60
C SER B 254 -31.57 -8.47 4.51
N LYS B 255 -32.85 -8.73 4.84
CA LYS B 255 -33.85 -9.31 3.95
C LYS B 255 -34.79 -8.20 3.44
N LYS B 256 -34.60 -6.96 3.96
CA LYS B 256 -35.39 -5.77 3.63
C LYS B 256 -35.36 -5.39 2.15
N TRP B 257 -34.26 -5.75 1.48
CA TRP B 257 -33.98 -5.46 0.07
C TRP B 257 -34.97 -6.15 -0.88
N SER B 258 -35.18 -5.56 -2.06
CA SER B 258 -36.08 -6.11 -3.06
C SER B 258 -35.45 -7.33 -3.74
N LYS B 259 -36.30 -8.15 -4.38
CA LYS B 259 -35.93 -9.34 -5.14
C LYS B 259 -34.98 -8.93 -6.27
N LYS B 260 -35.24 -7.76 -6.89
CA LYS B 260 -34.45 -7.15 -7.97
C LYS B 260 -33.03 -6.83 -7.54
N PHE B 261 -32.82 -6.33 -6.30
CA PHE B 261 -31.49 -6.02 -5.78
C PHE B 261 -30.66 -7.27 -5.46
N PHE B 262 -31.27 -8.30 -4.83
CA PHE B 262 -30.58 -9.57 -4.50
C PHE B 262 -30.14 -10.26 -5.80
N SER B 263 -30.99 -10.16 -6.85
CA SER B 263 -30.75 -10.72 -8.17
C SER B 263 -29.57 -10.03 -8.84
N PHE B 264 -29.46 -8.69 -8.68
CA PHE B 264 -28.36 -7.89 -9.23
C PHE B 264 -27.04 -8.28 -8.57
N ILE B 265 -27.04 -8.42 -7.23
CA ILE B 265 -25.88 -8.83 -6.41
C ILE B 265 -25.43 -10.23 -6.84
N GLU B 266 -26.41 -11.14 -7.04
CA GLU B 266 -26.18 -12.51 -7.49
C GLU B 266 -25.58 -12.54 -8.90
N GLY B 267 -26.02 -11.64 -9.76
CA GLY B 267 -25.52 -11.49 -11.13
C GLY B 267 -24.07 -11.03 -11.18
N CYS B 268 -23.72 -10.01 -10.37
CA CYS B 268 -22.36 -9.47 -10.26
C CYS B 268 -21.41 -10.51 -9.65
N LEU B 269 -21.89 -11.20 -8.61
CA LEU B 269 -21.07 -12.09 -7.80
C LEU B 269 -21.16 -13.55 -8.22
N VAL B 270 -21.14 -13.82 -9.55
CA VAL B 270 -21.05 -15.19 -10.04
C VAL B 270 -19.59 -15.54 -9.74
N LYS B 271 -19.39 -16.57 -8.93
CA LYS B 271 -18.09 -17.04 -8.46
C LYS B 271 -17.07 -17.32 -9.59
N ASN B 272 -17.48 -18.07 -10.63
CA ASN B 272 -16.64 -18.39 -11.80
C ASN B 272 -16.90 -17.34 -12.88
N TYR B 273 -15.89 -16.51 -13.19
CA TYR B 273 -15.99 -15.40 -14.15
C TYR B 273 -16.43 -15.84 -15.55
N MET B 274 -16.17 -17.09 -15.93
CA MET B 274 -16.55 -17.65 -17.24
C MET B 274 -18.06 -17.69 -17.42
N GLN B 275 -18.77 -17.77 -16.28
CA GLN B 275 -20.20 -17.89 -16.15
C GLN B 275 -20.84 -16.62 -15.57
N ARG B 276 -20.08 -15.52 -15.51
CA ARG B 276 -20.51 -14.22 -15.02
C ARG B 276 -21.02 -13.38 -16.22
N PRO B 277 -22.13 -12.60 -16.07
CA PRO B 277 -22.62 -11.82 -17.22
C PRO B 277 -21.69 -10.70 -17.63
N SER B 278 -21.80 -10.27 -18.90
CA SER B 278 -21.02 -9.16 -19.45
C SER B 278 -21.56 -7.84 -18.90
N THR B 279 -20.82 -6.75 -19.11
CA THR B 279 -21.22 -5.43 -18.63
C THR B 279 -22.54 -4.99 -19.34
N GLU B 280 -22.73 -5.35 -20.62
CA GLU B 280 -23.92 -5.07 -21.42
C GLU B 280 -25.14 -5.82 -20.82
N GLN B 281 -24.94 -7.08 -20.38
CA GLN B 281 -25.98 -7.90 -19.78
C GLN B 281 -26.48 -7.35 -18.46
N LEU B 282 -25.57 -6.85 -17.62
CA LEU B 282 -25.96 -6.27 -16.33
C LEU B 282 -26.62 -4.90 -16.49
N LEU B 283 -26.37 -4.21 -17.62
CA LEU B 283 -27.03 -2.94 -17.93
C LEU B 283 -28.51 -3.17 -18.30
N LYS B 284 -28.82 -4.44 -18.68
CA LYS B 284 -30.17 -4.89 -19.03
C LYS B 284 -30.89 -5.55 -17.83
N HIS B 285 -30.23 -5.60 -16.64
CA HIS B 285 -30.80 -6.17 -15.42
C HIS B 285 -31.93 -5.25 -14.94
N PRO B 286 -33.11 -5.80 -14.53
CA PRO B 286 -34.23 -4.94 -14.06
C PRO B 286 -33.88 -3.91 -12.97
N PHE B 287 -32.95 -4.23 -12.05
CA PHE B 287 -32.52 -3.33 -10.98
C PHE B 287 -31.84 -2.05 -11.54
N ILE B 288 -31.09 -2.20 -12.65
CA ILE B 288 -30.37 -1.11 -13.32
C ILE B 288 -31.23 -0.47 -14.42
N ARG B 289 -31.92 -1.31 -15.21
CA ARG B 289 -32.77 -0.90 -16.33
C ARG B 289 -34.01 -0.11 -15.88
N ASP B 290 -34.79 -0.65 -14.92
CA ASP B 290 -36.04 -0.04 -14.43
C ASP B 290 -35.81 0.99 -13.34
N GLN B 291 -35.70 2.27 -13.73
CA GLN B 291 -35.44 3.37 -12.80
C GLN B 291 -36.39 4.55 -13.07
N PRO B 292 -37.65 4.51 -12.53
CA PRO B 292 -38.60 5.61 -12.78
C PRO B 292 -38.28 6.91 -12.06
N ASN B 293 -37.73 6.84 -10.83
CA ASN B 293 -37.37 8.00 -10.01
C ASN B 293 -35.93 8.51 -10.28
N GLU B 294 -35.44 8.24 -11.51
CA GLU B 294 -34.11 8.61 -12.03
C GLU B 294 -33.82 10.11 -11.85
N ARG B 295 -34.81 10.98 -12.14
CA ARG B 295 -34.66 12.43 -11.95
C ARG B 295 -34.76 12.83 -10.49
N GLN B 296 -35.66 12.16 -9.71
CA GLN B 296 -35.85 12.40 -8.29
C GLN B 296 -34.59 12.09 -7.45
N VAL B 297 -33.92 10.94 -7.73
CA VAL B 297 -32.70 10.45 -7.07
C VAL B 297 -31.55 11.43 -7.29
N ARG B 298 -31.38 11.86 -8.56
CA ARG B 298 -30.35 12.82 -8.98
C ARG B 298 -30.46 14.11 -8.14
N ILE B 299 -31.72 14.59 -7.88
CA ILE B 299 -32.01 15.78 -7.07
C ILE B 299 -31.65 15.51 -5.60
N GLN B 300 -32.11 14.38 -5.03
CA GLN B 300 -31.84 13.98 -3.65
C GLN B 300 -30.33 13.91 -3.37
N LEU B 301 -29.54 13.40 -4.35
CA LEU B 301 -28.09 13.29 -4.27
C LEU B 301 -27.43 14.66 -4.29
N LYS B 302 -27.89 15.54 -5.21
CA LYS B 302 -27.43 16.92 -5.37
C LYS B 302 -27.68 17.70 -4.07
N ASP B 303 -28.87 17.50 -3.45
CA ASP B 303 -29.29 18.10 -2.18
C ASP B 303 -28.38 17.66 -1.02
N HIS B 304 -28.04 16.36 -0.96
CA HIS B 304 -27.15 15.75 0.05
C HIS B 304 -25.72 16.33 -0.05
N ILE B 305 -25.27 16.62 -1.29
CA ILE B 305 -23.97 17.22 -1.61
C ILE B 305 -23.94 18.66 -1.07
N ASP B 306 -25.04 19.44 -1.32
CA ASP B 306 -25.24 20.83 -0.87
C ASP B 306 -25.07 21.00 0.64
N ARG B 307 -25.35 19.92 1.39
CA ARG B 307 -25.11 19.84 2.83
C ARG B 307 -23.66 19.33 2.95
N THR B 308 -22.71 20.26 2.75
CA THR B 308 -21.25 20.07 2.75
C THR B 308 -20.72 19.72 4.14
#